data_9WFI
#
_entry.id   9WFI
#
_cell.length_a   58.678
_cell.length_b   66.136
_cell.length_c   122.112
_cell.angle_alpha   90.000
_cell.angle_beta   90.000
_cell.angle_gamma   90.000
#
_symmetry.space_group_name_H-M   'P 21 21 21'
#
loop_
_entity.id
_entity.type
_entity.pdbx_description
1 polymer 'Uncharacterized HTH-type transcriptional regulator Rv0494,Fatty acid metabolism regulator protein'
2 water water
#
_entity_poly.entity_id   1
_entity_poly.type   'polypeptide(L)'
_entity_poly.pdbx_seq_one_letter_code
;MVEPMNQSSVFQPPDRQRVDERIATTIADAILDGVFPPGSTLPPERDLAERLGVNRTSLRQGLARLQQMGLIEVRHGSGS
KVNNFWETSGLNILETLARLDHESVPQLIDNLLSVRTNISTIFIRTAFRQHPDKAQEVLATANEVADHADAFAELDYNIF
RGLAFASGNPIYGLILNGMKGLYTRIGRHYFANPEARSLALGFYHKLSALCSEGAHDQVYETVRRYGHESGEIWHRMQKN
LPGDLAIQGR
;
_entity_poly.pdbx_strand_id   A,B
#
# COMPACT_ATOMS: atom_id res chain seq x y z
N ARG A 18 20.62 -16.55 -1.65
CA ARG A 18 19.40 -15.86 -1.22
C ARG A 18 18.44 -16.81 -0.51
N VAL A 19 19.00 -17.75 0.26
CA VAL A 19 18.20 -18.85 0.78
C VAL A 19 17.05 -18.35 1.65
N ASP A 20 17.31 -17.38 2.51
CA ASP A 20 16.25 -16.93 3.41
C ASP A 20 15.10 -16.27 2.66
N GLU A 21 15.40 -15.59 1.55
CA GLU A 21 14.33 -15.08 0.69
C GLU A 21 13.50 -16.21 0.11
N ARG A 22 14.16 -17.25 -0.40
CA ARG A 22 13.43 -18.37 -1.01
C ARG A 22 12.61 -19.11 0.03
N ILE A 23 13.14 -19.20 1.26
CA ILE A 23 12.38 -19.81 2.36
C ILE A 23 11.11 -19.02 2.59
N ALA A 24 11.24 -17.69 2.78
CA ALA A 24 10.06 -16.88 3.05
C ALA A 24 9.03 -17.01 1.94
N THR A 25 9.49 -17.01 0.69
CA THR A 25 8.54 -17.12 -0.43
C THR A 25 7.83 -18.47 -0.41
N THR A 26 8.58 -19.55 -0.21
CA THR A 26 7.99 -20.88 -0.16
C THR A 26 6.92 -20.99 0.92
N ILE A 27 7.23 -20.51 2.12
CA ILE A 27 6.26 -20.58 3.21
C ILE A 27 5.10 -19.64 2.95
N ALA A 28 5.38 -18.43 2.47
CA ALA A 28 4.32 -17.50 2.10
C ALA A 28 3.39 -18.11 1.05
N ASP A 29 3.95 -18.79 0.04
CA ASP A 29 3.11 -19.47 -0.94
C ASP A 29 2.24 -20.53 -0.27
N ALA A 30 2.81 -21.29 0.67
CA ALA A 30 2.04 -22.33 1.34
C ALA A 30 0.94 -21.74 2.21
N ILE A 31 1.17 -20.56 2.81
CA ILE A 31 0.13 -19.91 3.59
C ILE A 31 -0.99 -19.42 2.68
N LEU A 32 -0.64 -18.69 1.62
CA LEU A 32 -1.67 -18.20 0.71
C LEU A 32 -2.43 -19.34 0.06
N ASP A 33 -1.78 -20.48 -0.17
CA ASP A 33 -2.47 -21.62 -0.76
C ASP A 33 -3.24 -22.45 0.26
N GLY A 34 -3.19 -22.09 1.55
CA GLY A 34 -3.98 -22.80 2.53
C GLY A 34 -3.36 -24.07 3.06
N VAL A 35 -2.10 -24.36 2.71
CA VAL A 35 -1.41 -25.48 3.32
C VAL A 35 -1.28 -25.26 4.82
N PHE A 36 -0.99 -24.03 5.21
CA PHE A 36 -0.95 -23.66 6.61
C PHE A 36 -2.15 -22.76 6.88
N PRO A 37 -3.18 -23.25 7.57
CA PRO A 37 -4.42 -22.49 7.68
C PRO A 37 -4.28 -21.31 8.63
N PRO A 38 -5.06 -20.25 8.42
CA PRO A 38 -5.08 -19.14 9.38
C PRO A 38 -5.42 -19.64 10.78
N GLY A 39 -4.68 -19.14 11.76
CA GLY A 39 -4.85 -19.56 13.14
C GLY A 39 -4.02 -20.76 13.52
N SER A 40 -3.55 -21.53 12.55
CA SER A 40 -2.63 -22.60 12.85
C SER A 40 -1.30 -22.00 13.29
N THR A 41 -0.46 -22.83 13.90
CA THR A 41 0.92 -22.45 14.18
C THR A 41 1.84 -23.32 13.32
N LEU A 42 2.95 -22.73 12.90
CA LEU A 42 3.84 -23.46 12.02
C LEU A 42 4.49 -24.63 12.75
N PRO A 43 4.90 -25.65 12.01
CA PRO A 43 5.74 -26.70 12.58
C PRO A 43 6.95 -26.09 13.26
N PRO A 44 7.50 -26.76 14.27
CA PRO A 44 8.69 -26.22 14.95
C PRO A 44 9.83 -26.06 13.95
N GLU A 45 10.74 -25.16 14.29
CA GLU A 45 11.80 -24.73 13.37
C GLU A 45 12.57 -25.92 12.83
N ARG A 46 12.96 -26.85 13.70
CA ARG A 46 13.72 -28.00 13.23
C ARG A 46 12.97 -28.78 12.17
N ASP A 47 11.66 -28.99 12.38
CA ASP A 47 10.85 -29.75 11.42
C ASP A 47 10.71 -28.99 10.11
N LEU A 48 10.46 -27.67 10.19
CA LEU A 48 10.29 -26.87 8.99
C LEU A 48 11.59 -26.78 8.20
N ALA A 49 12.72 -26.59 8.89
CA ALA A 49 14.02 -26.59 8.22
C ALA A 49 14.22 -27.88 7.43
N GLU A 50 13.92 -29.03 8.05
CA GLU A 50 14.12 -30.29 7.34
C GLU A 50 13.19 -30.40 6.14
N ARG A 51 11.91 -30.04 6.30
CA ARG A 51 10.98 -30.12 5.18
C ARG A 51 11.44 -29.26 4.01
N LEU A 52 11.98 -28.09 4.31
CA LEU A 52 12.44 -27.18 3.27
C LEU A 52 13.83 -27.53 2.77
N GLY A 53 14.52 -28.49 3.41
CA GLY A 53 15.89 -28.79 3.04
C GLY A 53 16.84 -27.64 3.27
N VAL A 54 16.68 -26.91 4.37
CA VAL A 54 17.48 -25.74 4.66
C VAL A 54 17.98 -25.83 6.09
N ASN A 55 18.83 -24.86 6.45
CA ASN A 55 19.40 -24.73 7.78
C ASN A 55 18.42 -24.01 8.69
N ARG A 56 18.58 -24.26 9.99
CA ARG A 56 17.74 -23.58 10.98
C ARG A 56 18.03 -22.08 11.04
N THR A 57 19.29 -21.66 10.93
CA THR A 57 19.49 -20.21 10.95
C THR A 57 18.94 -19.55 9.69
N SER A 58 19.00 -20.22 8.54
CA SER A 58 18.36 -19.67 7.36
C SER A 58 16.84 -19.66 7.52
N LEU A 59 16.28 -20.75 8.07
CA LEU A 59 14.84 -20.73 8.33
C LEU A 59 14.47 -19.60 9.28
N ARG A 60 15.30 -19.34 10.29
CA ARG A 60 14.97 -18.27 11.23
C ARG A 60 15.01 -16.90 10.56
N GLN A 61 15.91 -16.70 9.60
CA GLN A 61 15.87 -15.48 8.82
C GLN A 61 14.60 -15.41 7.98
N GLY A 62 14.20 -16.54 7.38
CA GLY A 62 12.96 -16.56 6.62
C GLY A 62 11.75 -16.24 7.48
N LEU A 63 11.73 -16.76 8.72
CA LEU A 63 10.61 -16.47 9.60
C LEU A 63 10.59 -15.00 10.00
N ALA A 64 11.77 -14.41 10.22
CA ALA A 64 11.81 -12.98 10.50
C ALA A 64 11.18 -12.20 9.35
N ARG A 65 11.41 -12.64 8.12
CA ARG A 65 10.85 -11.96 6.96
C ARG A 65 9.35 -12.05 6.96
N LEU A 66 8.81 -13.24 7.25
CA LEU A 66 7.36 -13.41 7.29
C LEU A 66 6.73 -12.63 8.42
N GLN A 67 7.39 -12.55 9.58
CA GLN A 67 6.86 -11.68 10.62
C GLN A 67 6.89 -10.24 10.17
N GLN A 68 7.97 -9.81 9.51
CA GLN A 68 8.04 -8.42 9.06
C GLN A 68 6.90 -8.10 8.10
N MET A 69 6.58 -9.00 7.19
CA MET A 69 5.46 -8.76 6.29
C MET A 69 4.10 -9.04 6.93
N GLY A 70 4.04 -9.41 8.21
CA GLY A 70 2.78 -9.60 8.91
C GLY A 70 2.06 -10.90 8.65
N LEU A 71 2.72 -11.86 8.00
CA LEU A 71 2.02 -13.10 7.68
C LEU A 71 1.95 -14.05 8.86
N ILE A 72 2.94 -14.00 9.75
CA ILE A 72 2.92 -14.79 10.98
C ILE A 72 3.20 -13.89 12.17
N GLU A 73 2.80 -14.38 13.34
CA GLU A 73 2.85 -13.63 14.59
C GLU A 73 3.49 -14.50 15.65
N VAL A 74 4.42 -13.95 16.42
CA VAL A 74 5.02 -14.65 17.55
C VAL A 74 4.82 -13.84 18.82
N GLY A 77 6.74 -15.82 23.62
CA GLY A 77 6.26 -16.97 24.37
C GLY A 77 5.05 -17.63 23.74
N SER A 78 5.24 -18.15 22.53
CA SER A 78 4.19 -18.79 21.72
C SER A 78 4.74 -19.16 20.35
N GLY A 79 4.04 -20.05 19.63
CA GLY A 79 4.49 -20.49 18.32
C GLY A 79 4.30 -19.42 17.26
N SER A 80 4.77 -19.71 16.04
CA SER A 80 4.53 -18.83 14.90
C SER A 80 3.11 -19.04 14.41
N LYS A 81 2.21 -18.14 14.79
CA LYS A 81 0.80 -18.25 14.43
C LYS A 81 0.56 -17.64 13.05
N VAL A 82 -0.16 -18.38 12.21
CA VAL A 82 -0.41 -17.95 10.84
C VAL A 82 -1.58 -16.98 10.85
N ASN A 83 -1.35 -15.78 10.33
CA ASN A 83 -2.42 -14.80 10.25
C ASN A 83 -3.28 -15.09 9.03
N ASN A 84 -4.48 -14.51 8.98
CA ASN A 84 -5.26 -14.49 7.75
C ASN A 84 -4.65 -13.47 6.80
N PHE A 85 -4.07 -13.95 5.71
CA PHE A 85 -3.28 -13.05 4.86
C PHE A 85 -4.14 -11.97 4.22
N TRP A 86 -5.44 -12.21 4.04
CA TRP A 86 -6.33 -11.17 3.55
C TRP A 86 -6.52 -10.04 4.55
N GLU A 87 -6.17 -10.27 5.82
CA GLU A 87 -6.26 -9.23 6.83
C GLU A 87 -4.95 -8.49 7.05
N THR A 88 -3.81 -9.11 6.77
CA THR A 88 -2.52 -8.56 7.12
C THR A 88 -1.63 -8.19 5.94
N SER A 89 -1.93 -8.68 4.74
CA SER A 89 -1.05 -8.44 3.61
C SER A 89 -1.34 -7.10 2.95
N GLY A 90 -0.28 -6.47 2.45
CA GLY A 90 -0.40 -5.28 1.66
C GLY A 90 -0.19 -5.56 0.19
N LEU A 91 0.16 -4.51 -0.55
CA LEU A 91 0.44 -4.66 -1.97
C LEU A 91 1.61 -5.61 -2.23
N ASN A 92 2.38 -5.96 -1.20
CA ASN A 92 3.55 -6.82 -1.35
C ASN A 92 3.20 -8.24 -1.80
N ILE A 93 1.94 -8.66 -1.75
CA ILE A 93 1.57 -10.01 -2.19
C ILE A 93 1.02 -10.05 -3.61
N LEU A 94 0.89 -8.90 -4.28
CA LEU A 94 0.33 -8.90 -5.63
C LEU A 94 1.05 -9.86 -6.55
N GLU A 95 2.38 -9.81 -6.56
CA GLU A 95 3.13 -10.69 -7.44
C GLU A 95 2.90 -12.15 -7.10
N THR A 96 2.78 -12.47 -5.80
CA THR A 96 2.55 -13.84 -5.40
C THR A 96 1.17 -14.30 -5.81
N LEU A 97 0.15 -13.45 -5.61
CA LEU A 97 -1.21 -13.80 -6.04
C LEU A 97 -1.24 -14.11 -7.53
N ALA A 98 -0.52 -13.32 -8.34
CA ALA A 98 -0.51 -13.57 -9.78
C ALA A 98 0.23 -14.87 -10.09
N ARG A 99 1.33 -15.12 -9.39
CA ARG A 99 2.12 -16.32 -9.64
C ARG A 99 1.36 -17.59 -9.29
N LEU A 100 0.53 -17.56 -8.25
CA LEU A 100 -0.09 -18.78 -7.73
C LEU A 100 -1.46 -19.09 -8.30
N ASP A 101 -2.12 -18.13 -8.94
CA ASP A 101 -3.52 -18.25 -9.29
C ASP A 101 -3.70 -17.93 -10.77
N HIS A 102 -3.08 -18.78 -11.61
CA HIS A 102 -3.04 -18.54 -13.06
C HIS A 102 -4.42 -18.25 -13.63
N GLU A 103 -5.46 -18.91 -13.10
CA GLU A 103 -6.79 -18.80 -13.69
C GLU A 103 -7.47 -17.48 -13.37
N SER A 104 -7.00 -16.76 -12.34
CA SER A 104 -7.60 -15.48 -11.96
C SER A 104 -6.65 -14.30 -12.17
N VAL A 105 -5.54 -14.49 -12.89
CA VAL A 105 -4.69 -13.35 -13.23
C VAL A 105 -5.42 -12.34 -14.12
N PRO A 106 -6.19 -12.74 -15.14
CA PRO A 106 -6.95 -11.70 -15.88
C PRO A 106 -7.76 -10.78 -14.98
N GLN A 107 -8.35 -11.30 -13.90
CA GLN A 107 -9.12 -10.46 -12.99
C GLN A 107 -8.23 -9.62 -12.08
N LEU A 108 -7.22 -10.25 -11.47
CA LEU A 108 -6.24 -9.50 -10.69
C LEU A 108 -5.60 -8.39 -11.51
N ILE A 109 -5.25 -8.68 -12.77
CA ILE A 109 -4.62 -7.67 -13.61
C ILE A 109 -5.60 -6.53 -13.89
N ASP A 110 -6.83 -6.86 -14.31
CA ASP A 110 -7.81 -5.79 -14.48
C ASP A 110 -8.00 -5.01 -13.19
N ASN A 111 -8.01 -5.72 -12.04
CA ASN A 111 -8.17 -5.03 -10.76
C ASN A 111 -7.04 -4.03 -10.55
N LEU A 112 -5.80 -4.43 -10.86
CA LEU A 112 -4.68 -3.53 -10.66
C LEU A 112 -4.77 -2.33 -11.58
N LEU A 113 -5.06 -2.58 -12.86
CA LEU A 113 -5.17 -1.48 -13.81
C LEU A 113 -6.28 -0.53 -13.40
N SER A 114 -7.40 -1.07 -12.90
CA SER A 114 -8.51 -0.22 -12.44
C SER A 114 -8.08 0.63 -11.25
N VAL A 115 -7.39 0.03 -10.28
CA VAL A 115 -6.83 0.77 -9.16
C VAL A 115 -5.91 1.87 -9.64
N ARG A 116 -4.97 1.52 -10.51
CA ARG A 116 -4.07 2.53 -11.04
C ARG A 116 -4.83 3.66 -11.69
N THR A 117 -5.80 3.32 -12.54
CA THR A 117 -6.57 4.34 -13.24
C THR A 117 -7.26 5.26 -12.25
N ASN A 118 -8.03 4.68 -11.31
CA ASN A 118 -8.87 5.53 -10.48
C ASN A 118 -8.08 6.26 -9.42
N ILE A 119 -7.09 5.61 -8.81
CA ILE A 119 -6.25 6.35 -7.87
C ILE A 119 -5.48 7.45 -8.61
N SER A 120 -5.05 7.21 -9.84
CA SER A 120 -4.29 8.26 -10.53
C SER A 120 -5.17 9.45 -10.87
N THR A 121 -6.49 9.29 -11.00
CA THR A 121 -7.32 10.47 -11.22
C THR A 121 -7.18 11.45 -10.06
N ILE A 122 -7.03 10.93 -8.84
CA ILE A 122 -6.86 11.79 -7.67
C ILE A 122 -5.50 12.47 -7.70
N PHE A 123 -4.42 11.70 -7.74
CA PHE A 123 -3.12 12.34 -7.51
C PHE A 123 -2.60 13.11 -8.72
N ILE A 124 -3.04 12.76 -9.92
CA ILE A 124 -2.64 13.57 -11.08
C ILE A 124 -3.30 14.95 -11.01
N ARG A 125 -4.58 14.99 -10.65
CA ARG A 125 -5.25 16.29 -10.53
C ARG A 125 -4.61 17.14 -9.44
N THR A 126 -4.27 16.53 -8.30
CA THR A 126 -3.64 17.28 -7.22
C THR A 126 -2.27 17.81 -7.66
N ALA A 127 -1.49 16.97 -8.33
CA ALA A 127 -0.18 17.39 -8.80
C ALA A 127 -0.29 18.56 -9.77
N PHE A 128 -1.28 18.50 -10.67
CA PHE A 128 -1.46 19.59 -11.63
C PHE A 128 -1.87 20.88 -10.93
N ARG A 129 -2.68 20.78 -9.88
CA ARG A 129 -3.15 21.96 -9.16
C ARG A 129 -2.07 22.52 -8.24
N GLN A 130 -1.38 21.66 -7.50
CA GLN A 130 -0.49 22.06 -6.43
C GLN A 130 0.95 22.25 -6.89
N HIS A 131 1.44 21.40 -7.80
CA HIS A 131 2.85 21.37 -8.17
C HIS A 131 3.01 21.14 -9.68
N PRO A 132 2.47 22.04 -10.50
CA PRO A 132 2.47 21.78 -11.96
C PRO A 132 3.85 21.71 -12.56
N ASP A 133 4.78 22.52 -12.06
CA ASP A 133 6.14 22.46 -12.60
C ASP A 133 6.76 21.10 -12.37
N LYS A 134 6.59 20.55 -11.18
CA LYS A 134 7.10 19.20 -10.91
C LYS A 134 6.39 18.17 -11.76
N ALA A 135 5.06 18.31 -11.92
CA ALA A 135 4.32 17.39 -12.79
C ALA A 135 4.82 17.46 -14.22
N GLN A 136 5.13 18.67 -14.71
CA GLN A 136 5.65 18.79 -16.07
C GLN A 136 7.00 18.12 -16.19
N GLU A 137 7.85 18.26 -15.18
CA GLU A 137 9.18 17.66 -15.27
C GLU A 137 9.09 16.13 -15.30
N VAL A 138 8.14 15.54 -14.57
CA VAL A 138 7.91 14.10 -14.68
C VAL A 138 7.45 13.74 -16.08
N LEU A 139 6.45 14.47 -16.60
CA LEU A 139 5.89 14.16 -17.91
C LEU A 139 6.93 14.32 -19.00
N ALA A 140 7.88 15.23 -18.80
CA ALA A 140 8.92 15.48 -19.79
C ALA A 140 9.83 14.27 -20.00
N THR A 141 9.92 13.37 -19.02
CA THR A 141 10.72 12.14 -19.19
C THR A 141 10.21 11.28 -20.32
N ALA A 142 8.98 11.51 -20.80
CA ALA A 142 8.44 10.76 -21.92
C ALA A 142 9.12 11.08 -23.24
N ASN A 143 9.93 12.14 -23.29
CA ASN A 143 10.61 12.54 -24.52
C ASN A 143 11.87 11.73 -24.76
N GLU A 144 12.39 11.05 -23.74
CA GLU A 144 13.66 10.35 -23.81
C GLU A 144 13.48 8.85 -23.57
N VAL A 145 12.63 8.19 -24.35
CA VAL A 145 12.36 6.77 -24.15
C VAL A 145 12.79 6.00 -25.39
N ALA A 146 13.36 4.81 -25.17
CA ALA A 146 13.52 3.84 -26.25
C ALA A 146 12.17 3.25 -26.60
N ASP A 147 11.84 3.19 -27.89
CA ASP A 147 10.55 2.65 -28.34
C ASP A 147 10.67 1.13 -28.33
N HIS A 148 10.57 0.57 -27.12
CA HIS A 148 10.75 -0.85 -26.91
C HIS A 148 10.14 -1.21 -25.55
N ALA A 149 9.77 -2.49 -25.41
CA ALA A 149 8.82 -2.88 -24.37
C ALA A 149 9.36 -2.60 -22.97
N ASP A 150 10.50 -3.21 -22.61
CA ASP A 150 10.94 -3.16 -21.22
C ASP A 150 11.27 -1.74 -20.80
N ALA A 151 11.84 -0.94 -21.70
CA ALA A 151 12.15 0.44 -21.33
C ALA A 151 10.87 1.26 -21.18
N PHE A 152 9.88 1.00 -22.03
CA PHE A 152 8.62 1.70 -21.94
C PHE A 152 7.86 1.35 -20.66
N ALA A 153 7.88 0.07 -20.27
CA ALA A 153 7.19 -0.33 -19.05
C ALA A 153 7.77 0.41 -17.85
N GLU A 154 9.10 0.58 -17.82
CA GLU A 154 9.71 1.33 -16.73
C GLU A 154 9.35 2.80 -16.80
N LEU A 155 9.32 3.40 -18.00
CA LEU A 155 8.97 4.81 -18.12
C LEU A 155 7.53 5.07 -17.68
N ASP A 156 6.61 4.22 -18.12
CA ASP A 156 5.20 4.39 -17.77
C ASP A 156 5.01 4.31 -16.25
N TYR A 157 5.62 3.32 -15.63
CA TYR A 157 5.57 3.24 -14.17
C TYR A 157 6.18 4.49 -13.53
N ASN A 158 7.32 4.95 -14.06
CA ASN A 158 7.98 6.09 -13.42
C ASN A 158 7.16 7.36 -13.57
N ILE A 159 6.37 7.47 -14.64
CA ILE A 159 5.51 8.64 -14.80
C ILE A 159 4.37 8.61 -13.79
N PHE A 160 3.72 7.45 -13.66
CA PHE A 160 2.65 7.36 -12.68
C PHE A 160 3.18 7.51 -11.26
N ARG A 161 4.31 6.88 -10.93
CA ARG A 161 4.89 7.07 -9.61
C ARG A 161 5.30 8.52 -9.41
N GLY A 162 5.94 9.12 -10.42
CA GLY A 162 6.39 10.50 -10.28
C GLY A 162 5.25 11.46 -10.07
N LEU A 163 4.15 11.25 -10.81
CA LEU A 163 2.97 12.10 -10.61
C LEU A 163 2.35 11.85 -9.24
N ALA A 164 2.41 10.62 -8.75
CA ALA A 164 1.93 10.34 -7.39
C ALA A 164 2.69 11.16 -6.36
N PHE A 165 4.02 11.14 -6.41
CA PHE A 165 4.79 11.96 -5.49
C PHE A 165 4.61 13.45 -5.78
N ALA A 166 4.46 13.83 -7.05
CA ALA A 166 4.28 15.24 -7.37
C ALA A 166 2.97 15.79 -6.81
N SER A 167 2.04 14.93 -6.39
CA SER A 167 0.84 15.43 -5.75
C SER A 167 1.16 16.17 -4.45
N GLY A 168 2.33 15.95 -3.86
CA GLY A 168 2.64 16.50 -2.57
C GLY A 168 2.19 15.61 -1.43
N ASN A 169 1.54 14.49 -1.74
CA ASN A 169 1.12 13.52 -0.75
C ASN A 169 1.88 12.24 -1.03
N PRO A 170 2.97 11.94 -0.33
CA PRO A 170 3.81 10.80 -0.73
C PRO A 170 3.16 9.44 -0.50
N ILE A 171 2.05 9.37 0.23
CA ILE A 171 1.42 8.08 0.40
C ILE A 171 0.91 7.54 -0.93
N TYR A 172 0.48 8.41 -1.86
CA TYR A 172 0.16 7.90 -3.19
C TYR A 172 1.38 7.29 -3.84
N GLY A 173 2.54 7.89 -3.59
CA GLY A 173 3.79 7.31 -4.08
C GLY A 173 4.08 5.95 -3.47
N LEU A 174 3.88 5.82 -2.15
CA LEU A 174 4.08 4.53 -1.51
C LEU A 174 3.16 3.46 -2.10
N ILE A 175 1.93 3.84 -2.45
CA ILE A 175 1.02 2.92 -3.12
C ILE A 175 1.59 2.49 -4.46
N LEU A 176 2.08 3.45 -5.25
CA LEU A 176 2.65 3.09 -6.54
C LEU A 176 3.88 2.21 -6.35
N ASN A 177 4.71 2.50 -5.35
CA ASN A 177 5.85 1.63 -5.06
C ASN A 177 5.41 0.20 -4.83
N GLY A 178 4.29 0.02 -4.13
CA GLY A 178 3.81 -1.32 -3.84
C GLY A 178 3.26 -2.03 -5.06
N MET A 179 2.72 -1.27 -6.02
CA MET A 179 2.26 -1.92 -7.25
C MET A 179 3.36 -2.17 -8.26
N LYS A 180 4.58 -1.63 -8.04
CA LYS A 180 5.61 -1.67 -9.09
C LYS A 180 5.79 -3.06 -9.68
N GLY A 181 5.95 -4.07 -8.81
CA GLY A 181 6.28 -5.41 -9.24
C GLY A 181 5.32 -5.96 -10.29
N LEU A 182 4.06 -6.13 -9.89
CA LEU A 182 3.08 -6.64 -10.83
C LEU A 182 2.76 -5.66 -11.93
N TYR A 183 2.77 -4.36 -11.61
CA TYR A 183 2.39 -3.37 -12.62
C TYR A 183 3.39 -3.34 -13.77
N THR A 184 4.69 -3.36 -13.47
CA THR A 184 5.67 -3.35 -14.55
C THR A 184 5.72 -4.68 -15.27
N ARG A 185 5.41 -5.78 -14.58
CA ARG A 185 5.30 -7.07 -15.27
C ARG A 185 4.21 -7.04 -16.35
N ILE A 186 3.03 -6.52 -16.03
CA ILE A 186 2.02 -6.31 -17.07
C ILE A 186 2.59 -5.42 -18.17
N GLY A 187 3.21 -4.32 -17.78
CA GLY A 187 3.71 -3.37 -18.76
C GLY A 187 4.74 -3.95 -19.70
N ARG A 188 5.55 -4.91 -19.21
CA ARG A 188 6.60 -5.46 -20.07
C ARG A 188 5.98 -6.34 -21.15
N HIS A 189 4.79 -6.87 -20.90
CA HIS A 189 4.05 -7.59 -21.94
C HIS A 189 3.32 -6.60 -22.82
N TYR A 190 2.60 -5.67 -22.18
CA TYR A 190 1.71 -4.75 -22.89
C TYR A 190 2.46 -3.87 -23.88
N PHE A 191 3.57 -3.29 -23.45
CA PHE A 191 4.23 -2.28 -24.26
C PHE A 191 5.10 -2.88 -25.36
N ALA A 192 5.10 -4.20 -25.51
CA ALA A 192 5.62 -4.78 -26.74
C ALA A 192 4.78 -4.37 -27.95
N ASN A 193 3.53 -3.97 -27.71
CA ASN A 193 2.63 -3.59 -28.79
C ASN A 193 2.89 -2.15 -29.20
N PRO A 194 3.18 -1.86 -30.47
CA PRO A 194 3.38 -0.48 -30.89
C PRO A 194 2.19 0.43 -30.67
N GLU A 195 0.95 -0.07 -30.74
CA GLU A 195 -0.19 0.78 -30.44
C GLU A 195 -0.21 1.14 -28.97
N ALA A 196 0.19 0.20 -28.13
CA ALA A 196 0.30 0.45 -26.69
C ALA A 196 1.26 1.61 -26.41
N ARG A 197 2.44 1.58 -27.03
CA ARG A 197 3.39 2.66 -26.84
C ARG A 197 2.83 3.97 -27.37
N SER A 198 2.17 3.93 -28.54
CA SER A 198 1.64 5.15 -29.14
C SER A 198 0.57 5.77 -28.25
N LEU A 199 -0.37 4.95 -27.78
CA LEU A 199 -1.44 5.44 -26.92
C LEU A 199 -0.88 6.10 -25.65
N ALA A 200 0.11 5.45 -25.04
CA ALA A 200 0.72 6.00 -23.82
C ALA A 200 1.37 7.35 -24.09
N LEU A 201 2.22 7.44 -25.12
CA LEU A 201 2.85 8.71 -25.45
C LEU A 201 1.80 9.80 -25.63
N GLY A 202 0.73 9.50 -26.36
CA GLY A 202 -0.33 10.48 -26.55
C GLY A 202 -0.95 10.89 -25.23
N PHE A 203 -1.09 9.92 -24.32
CA PHE A 203 -1.64 10.18 -23.01
C PHE A 203 -0.74 11.12 -22.22
N TYR A 204 0.57 10.86 -22.22
CA TYR A 204 1.47 11.73 -21.47
C TYR A 204 1.45 13.14 -22.05
N HIS A 205 1.51 13.25 -23.39
CA HIS A 205 1.45 14.58 -24.01
C HIS A 205 0.13 15.28 -23.69
N LYS A 206 -0.97 14.54 -23.71
CA LYS A 206 -2.26 15.14 -23.33
C LYS A 206 -2.26 15.59 -21.87
N LEU A 207 -1.71 14.76 -20.99
CA LEU A 207 -1.56 15.19 -19.59
C LEU A 207 -0.77 16.48 -19.49
N SER A 208 0.34 16.59 -20.24
CA SER A 208 1.13 17.81 -20.23
C SER A 208 0.32 19.01 -20.70
N ALA A 209 -0.47 18.84 -21.75
CA ALA A 209 -1.32 19.92 -22.22
C ALA A 209 -2.32 20.35 -21.15
N LEU A 210 -3.01 19.38 -20.53
CA LEU A 210 -3.98 19.70 -19.49
C LEU A 210 -3.32 20.46 -18.35
N CYS A 211 -2.11 20.07 -17.98
CA CYS A 211 -1.40 20.75 -16.90
C CYS A 211 -1.07 22.18 -17.30
N SER A 212 -0.50 22.34 -18.50
CA SER A 212 -0.17 23.67 -19.02
C SER A 212 -1.39 24.59 -19.01
N GLU A 213 -2.55 24.07 -19.41
CA GLU A 213 -3.79 24.84 -19.48
C GLU A 213 -4.49 24.97 -18.12
N GLY A 214 -3.96 24.36 -17.07
CA GLY A 214 -4.69 24.34 -15.81
C GLY A 214 -6.04 23.67 -15.91
N ALA A 215 -6.21 22.78 -16.88
CA ALA A 215 -7.49 22.09 -17.09
C ALA A 215 -7.65 20.93 -16.09
N HIS A 216 -7.67 21.28 -14.81
CA HIS A 216 -7.71 20.29 -13.74
C HIS A 216 -8.98 19.44 -13.81
N ASP A 217 -10.12 20.05 -14.18
CA ASP A 217 -11.38 19.31 -14.21
C ASP A 217 -11.47 18.33 -15.38
N GLN A 218 -10.47 18.28 -16.26
CA GLN A 218 -10.47 17.37 -17.40
C GLN A 218 -9.60 16.14 -17.19
N VAL A 219 -8.79 16.10 -16.12
CA VAL A 219 -7.93 14.95 -15.88
C VAL A 219 -8.75 13.69 -15.70
N TYR A 220 -9.87 13.78 -14.96
CA TYR A 220 -10.67 12.59 -14.68
C TYR A 220 -11.05 11.86 -15.97
N GLU A 221 -11.68 12.55 -16.92
CA GLU A 221 -12.12 11.86 -18.12
C GLU A 221 -10.93 11.40 -18.95
N THR A 222 -9.87 12.20 -19.00
CA THR A 222 -8.70 11.82 -19.79
C THR A 222 -8.05 10.57 -19.21
N VAL A 223 -7.91 10.49 -17.89
CA VAL A 223 -7.33 9.29 -17.30
C VAL A 223 -8.27 8.09 -17.45
N ARG A 224 -9.56 8.28 -17.20
CA ARG A 224 -10.49 7.15 -17.36
C ARG A 224 -10.53 6.67 -18.81
N ARG A 225 -10.57 7.61 -19.77
CA ARG A 225 -10.50 7.22 -21.18
C ARG A 225 -9.22 6.43 -21.47
N TYR A 226 -8.07 6.91 -20.98
CA TYR A 226 -6.84 6.14 -21.17
C TYR A 226 -6.96 4.73 -20.61
N GLY A 227 -7.47 4.61 -19.37
CA GLY A 227 -7.61 3.29 -18.78
C GLY A 227 -8.51 2.41 -19.61
N HIS A 228 -9.60 2.98 -20.13
CA HIS A 228 -10.48 2.20 -21.00
C HIS A 228 -9.79 1.81 -22.30
N GLU A 229 -9.10 2.75 -22.96
CA GLU A 229 -8.54 2.44 -24.27
C GLU A 229 -7.31 1.54 -24.16
N SER A 230 -6.47 1.75 -23.13
CA SER A 230 -5.36 0.82 -22.95
C SER A 230 -5.86 -0.57 -22.58
N GLY A 231 -6.91 -0.64 -21.75
CA GLY A 231 -7.46 -1.94 -21.39
C GLY A 231 -7.99 -2.71 -22.59
N GLU A 232 -8.59 -1.99 -23.54
CA GLU A 232 -9.05 -2.62 -24.78
C GLU A 232 -7.88 -3.19 -25.59
N ILE A 233 -6.82 -2.38 -25.76
CA ILE A 233 -5.61 -2.90 -26.38
C ILE A 233 -5.09 -4.11 -25.61
N TRP A 234 -5.02 -3.99 -24.28
CA TRP A 234 -4.53 -5.10 -23.47
C TRP A 234 -5.41 -6.33 -23.64
N HIS A 235 -6.73 -6.15 -23.57
CA HIS A 235 -7.63 -7.29 -23.66
C HIS A 235 -7.54 -7.97 -25.03
N ARG A 236 -7.41 -7.18 -26.11
CA ARG A 236 -7.25 -7.82 -27.41
C ARG A 236 -5.90 -8.53 -27.53
N MET A 237 -4.90 -8.10 -26.74
CA MET A 237 -3.61 -8.80 -26.69
C MET A 237 -3.72 -10.11 -25.94
N GLN A 238 -4.60 -10.17 -24.95
CA GLN A 238 -4.73 -11.30 -24.04
C GLN A 238 -5.67 -12.36 -24.62
N ASP B 15 3.51 -5.63 23.20
CA ASP B 15 4.16 -6.54 22.26
C ASP B 15 5.66 -6.26 22.18
N ARG B 16 6.44 -6.92 23.04
CA ARG B 16 7.87 -6.65 23.13
C ARG B 16 8.58 -7.02 21.83
N GLN B 17 9.40 -6.10 21.34
CA GLN B 17 10.23 -6.36 20.16
C GLN B 17 11.42 -7.23 20.55
N ARG B 18 11.65 -8.30 19.79
CA ARG B 18 12.81 -9.14 20.01
C ARG B 18 14.05 -8.46 19.42
N VAL B 19 15.24 -9.01 19.71
CA VAL B 19 16.46 -8.26 19.40
C VAL B 19 16.60 -8.05 17.89
N ASP B 20 16.23 -9.06 17.08
CA ASP B 20 16.33 -8.88 15.63
C ASP B 20 15.41 -7.77 15.13
N GLU B 21 14.25 -7.60 15.77
CA GLU B 21 13.35 -6.53 15.40
C GLU B 21 13.93 -5.18 15.79
N ARG B 22 14.56 -5.12 16.97
CA ARG B 22 15.19 -3.88 17.40
C ARG B 22 16.34 -3.51 16.49
N ILE B 23 17.09 -4.51 16.01
CA ILE B 23 18.18 -4.27 15.07
C ILE B 23 17.63 -3.66 13.78
N ALA B 24 16.59 -4.29 13.21
CA ALA B 24 15.98 -3.78 11.99
C ALA B 24 15.47 -2.36 12.20
N THR B 25 14.77 -2.12 13.30
CA THR B 25 14.25 -0.78 13.57
C THR B 25 15.39 0.24 13.69
N THR B 26 16.48 -0.13 14.34
CA THR B 26 17.56 0.83 14.55
C THR B 26 18.24 1.17 13.22
N ILE B 27 18.51 0.16 12.40
CA ILE B 27 19.14 0.40 11.10
C ILE B 27 18.15 1.08 10.16
N ALA B 28 16.89 0.63 10.17
CA ALA B 28 15.91 1.27 9.30
C ALA B 28 15.79 2.75 9.61
N ASP B 29 15.77 3.10 10.90
CA ASP B 29 15.71 4.50 11.29
C ASP B 29 16.90 5.26 10.73
N ALA B 30 18.10 4.67 10.85
CA ALA B 30 19.31 5.33 10.33
C ALA B 30 19.24 5.52 8.82
N ILE B 31 18.71 4.54 8.10
CA ILE B 31 18.54 4.70 6.65
C ILE B 31 17.54 5.80 6.35
N LEU B 32 16.35 5.71 6.95
CA LEU B 32 15.34 6.72 6.66
C LEU B 32 15.81 8.10 7.08
N ASP B 33 16.66 8.16 8.09
CA ASP B 33 17.14 9.42 8.58
C ASP B 33 18.28 9.97 7.74
N GLY B 34 18.84 9.18 6.83
CA GLY B 34 19.90 9.66 5.98
C GLY B 34 21.30 9.41 6.47
N VAL B 35 21.49 8.65 7.55
CA VAL B 35 22.84 8.24 7.93
C VAL B 35 23.47 7.42 6.82
N PHE B 36 22.66 6.59 6.17
CA PHE B 36 23.14 5.79 5.05
C PHE B 36 22.38 6.20 3.82
N PRO B 37 22.95 7.04 2.96
CA PRO B 37 22.23 7.52 1.79
C PRO B 37 22.02 6.39 0.80
N PRO B 38 21.04 6.56 -0.11
CA PRO B 38 20.87 5.59 -1.19
C PRO B 38 22.18 5.33 -1.92
N GLY B 39 22.43 4.06 -2.21
CA GLY B 39 23.65 3.69 -2.91
C GLY B 39 24.84 3.42 -2.02
N SER B 40 24.78 3.80 -0.75
CA SER B 40 25.86 3.53 0.16
C SER B 40 25.78 2.08 0.65
N THR B 41 26.80 1.69 1.41
CA THR B 41 26.88 0.32 1.91
C THR B 41 26.91 0.38 3.43
N LEU B 42 26.14 -0.50 4.08
CA LEU B 42 26.23 -0.61 5.52
C LEU B 42 27.63 -1.05 5.92
N PRO B 43 28.04 -0.76 7.15
CA PRO B 43 29.35 -1.25 7.64
C PRO B 43 29.40 -2.77 7.64
N PRO B 44 30.59 -3.35 7.56
CA PRO B 44 30.69 -4.81 7.51
C PRO B 44 30.14 -5.41 8.79
N GLU B 45 29.80 -6.70 8.70
CA GLU B 45 29.09 -7.39 9.78
C GLU B 45 29.75 -7.22 11.13
N ARG B 46 31.06 -7.48 11.20
CA ARG B 46 31.72 -7.50 12.51
C ARG B 46 31.62 -6.13 13.17
N ASP B 47 31.90 -5.07 12.41
CA ASP B 47 31.76 -3.71 12.90
C ASP B 47 30.32 -3.41 13.27
N LEU B 48 29.39 -3.67 12.35
CA LEU B 48 27.99 -3.35 12.59
C LEU B 48 27.46 -4.04 13.85
N ALA B 49 27.73 -5.33 14.01
CA ALA B 49 27.24 -6.03 15.19
C ALA B 49 27.86 -5.49 16.46
N GLU B 50 29.15 -5.15 16.42
CA GLU B 50 29.79 -4.61 17.62
C GLU B 50 29.26 -3.23 17.94
N ARG B 51 29.01 -2.42 16.92
CA ARG B 51 28.44 -1.09 17.15
C ARG B 51 27.06 -1.17 17.76
N LEU B 52 26.26 -2.15 17.35
CA LEU B 52 24.92 -2.32 17.92
C LEU B 52 24.95 -3.06 19.24
N GLY B 53 26.06 -3.68 19.60
CA GLY B 53 26.12 -4.47 20.81
C GLY B 53 25.35 -5.76 20.73
N VAL B 54 25.24 -6.35 19.54
CA VAL B 54 24.51 -7.58 19.31
C VAL B 54 25.45 -8.61 18.72
N ASN B 55 25.02 -9.87 18.78
CA ASN B 55 25.75 -10.91 18.07
C ASN B 55 25.37 -10.91 16.60
N ARG B 56 26.21 -11.53 15.77
CA ARG B 56 26.03 -11.43 14.32
C ARG B 56 24.88 -12.31 13.82
N THR B 57 24.55 -13.37 14.56
CA THR B 57 23.37 -14.16 14.20
C THR B 57 22.12 -13.28 14.24
N SER B 58 21.96 -12.52 15.33
CA SER B 58 20.82 -11.61 15.42
C SER B 58 20.91 -10.50 14.38
N LEU B 59 22.12 -10.01 14.10
CA LEU B 59 22.27 -8.98 13.08
C LEU B 59 21.73 -9.45 11.73
N ARG B 60 22.09 -10.67 11.32
CA ARG B 60 21.66 -11.15 10.01
C ARG B 60 20.15 -11.36 9.95
N GLN B 61 19.53 -11.68 11.09
CA GLN B 61 18.07 -11.74 11.14
C GLN B 61 17.46 -10.37 10.96
N GLY B 62 18.03 -9.36 11.61
CA GLY B 62 17.58 -7.99 11.39
C GLY B 62 17.77 -7.54 9.97
N LEU B 63 18.91 -7.92 9.36
CA LEU B 63 19.17 -7.57 7.96
C LEU B 63 18.15 -8.23 7.04
N ALA B 64 17.76 -9.47 7.37
CA ALA B 64 16.72 -10.16 6.61
C ALA B 64 15.43 -9.36 6.62
N ARG B 65 15.04 -8.83 7.78
CA ARG B 65 13.85 -7.99 7.83
C ARG B 65 14.01 -6.76 6.98
N LEU B 66 15.19 -6.13 7.02
CA LEU B 66 15.41 -4.95 6.19
C LEU B 66 15.35 -5.27 4.71
N GLN B 67 15.87 -6.43 4.30
CA GLN B 67 15.74 -6.80 2.90
C GLN B 67 14.27 -6.96 2.53
N GLN B 68 13.47 -7.53 3.42
CA GLN B 68 12.06 -7.74 3.12
C GLN B 68 11.32 -6.42 3.01
N MET B 69 11.66 -5.46 3.87
CA MET B 69 11.18 -4.09 3.78
C MET B 69 11.58 -3.39 2.48
N GLY B 70 12.51 -3.95 1.71
CA GLY B 70 13.04 -3.27 0.53
C GLY B 70 14.11 -2.23 0.81
N LEU B 71 14.67 -2.20 2.02
CA LEU B 71 15.52 -1.09 2.44
C LEU B 71 16.97 -1.32 2.05
N ILE B 72 17.38 -2.58 1.90
CA ILE B 72 18.75 -2.94 1.55
C ILE B 72 18.75 -4.14 0.61
N GLU B 73 19.92 -4.40 0.02
CA GLU B 73 20.17 -5.54 -0.86
C GLU B 73 21.47 -6.19 -0.43
N VAL B 74 21.48 -7.51 -0.24
CA VAL B 74 22.71 -8.17 0.17
C VAL B 74 23.67 -8.26 -1.02
N ARG B 75 24.95 -8.06 -0.74
CA ARG B 75 26.00 -7.97 -1.76
C ARG B 75 27.09 -9.01 -1.50
N SER B 80 25.95 -4.91 2.45
CA SER B 80 24.57 -4.57 2.16
C SER B 80 24.45 -3.18 1.54
N LYS B 81 24.00 -3.13 0.29
CA LYS B 81 23.75 -1.87 -0.38
C LYS B 81 22.42 -1.28 0.08
N VAL B 82 22.38 0.03 0.29
CA VAL B 82 21.21 0.73 0.81
C VAL B 82 20.41 1.28 -0.37
N ASN B 83 19.10 1.02 -0.37
CA ASN B 83 18.20 1.49 -1.41
C ASN B 83 17.68 2.89 -1.09
N ASN B 84 17.05 3.51 -2.07
CA ASN B 84 16.31 4.75 -1.82
C ASN B 84 14.95 4.35 -1.25
N PHE B 85 14.72 4.61 0.05
CA PHE B 85 13.49 4.09 0.65
C PHE B 85 12.25 4.70 0.02
N TRP B 86 12.36 5.88 -0.60
CA TRP B 86 11.18 6.43 -1.27
C TRP B 86 10.85 5.72 -2.58
N GLU B 87 11.78 4.90 -3.10
CA GLU B 87 11.50 4.08 -4.29
C GLU B 87 11.02 2.68 -3.94
N THR B 88 11.46 2.12 -2.81
CA THR B 88 11.25 0.72 -2.52
C THR B 88 10.21 0.46 -1.43
N SER B 89 9.86 1.46 -0.63
CA SER B 89 8.95 1.24 0.48
C SER B 89 7.51 1.39 0.04
N GLY B 90 6.65 0.54 0.59
CA GLY B 90 5.21 0.69 0.46
C GLY B 90 4.57 1.27 1.70
N LEU B 91 3.27 1.00 1.85
CA LEU B 91 2.55 1.47 3.03
C LEU B 91 3.13 0.90 4.33
N ASN B 92 3.95 -0.15 4.23
CA ASN B 92 4.54 -0.76 5.41
C ASN B 92 5.43 0.19 6.20
N ILE B 93 5.89 1.30 5.60
CA ILE B 93 6.71 2.24 6.35
C ILE B 93 5.92 3.36 7.00
N LEU B 94 4.58 3.36 6.85
CA LEU B 94 3.81 4.47 7.41
C LEU B 94 4.03 4.63 8.92
N GLU B 95 4.03 3.52 9.65
CA GLU B 95 4.15 3.64 11.10
C GLU B 95 5.53 4.13 11.50
N THR B 96 6.54 3.74 10.73
CA THR B 96 7.89 4.21 10.97
C THR B 96 8.01 5.71 10.72
N LEU B 97 7.46 6.18 9.59
CA LEU B 97 7.49 7.62 9.33
C LEU B 97 6.80 8.40 10.45
N ALA B 98 5.69 7.87 10.96
CA ALA B 98 4.99 8.55 12.04
C ALA B 98 5.77 8.50 13.34
N ARG B 99 6.37 7.34 13.65
CA ARG B 99 7.14 7.22 14.90
C ARG B 99 8.35 8.13 14.90
N LEU B 100 9.04 8.22 13.75
CA LEU B 100 10.17 9.11 13.60
C LEU B 100 9.71 10.56 13.50
N ASP B 101 8.42 10.78 13.22
CA ASP B 101 7.90 12.09 12.84
C ASP B 101 8.82 12.71 11.79
N HIS B 102 8.99 11.94 10.71
CA HIS B 102 9.98 12.23 9.69
C HIS B 102 9.86 13.64 9.12
N GLU B 103 11.01 14.33 9.03
CA GLU B 103 11.02 15.73 8.62
C GLU B 103 10.43 15.93 7.23
N SER B 104 10.45 14.90 6.40
CA SER B 104 9.98 15.02 5.02
C SER B 104 8.45 14.93 4.90
N VAL B 105 7.77 14.44 5.93
CA VAL B 105 6.32 14.28 5.89
C VAL B 105 5.68 14.96 7.10
N PRO B 106 5.79 16.29 7.23
CA PRO B 106 5.23 16.94 8.42
C PRO B 106 3.73 16.78 8.53
N GLN B 107 3.01 16.56 7.42
CA GLN B 107 1.57 16.41 7.43
C GLN B 107 1.15 14.97 7.13
N LEU B 108 1.98 14.01 7.55
CA LEU B 108 1.72 12.61 7.24
C LEU B 108 0.32 12.20 7.67
N ILE B 109 -0.10 12.63 8.86
CA ILE B 109 -1.42 12.23 9.38
C ILE B 109 -2.51 12.78 8.48
N ASP B 110 -2.42 14.07 8.16
CA ASP B 110 -3.37 14.68 7.23
C ASP B 110 -3.32 13.99 5.87
N ASN B 111 -2.11 13.68 5.38
CA ASN B 111 -1.97 12.96 4.11
C ASN B 111 -2.74 11.64 4.14
N LEU B 112 -2.63 10.90 5.25
CA LEU B 112 -3.26 9.59 5.31
C LEU B 112 -4.77 9.68 5.33
N LEU B 113 -5.31 10.65 6.08
CA LEU B 113 -6.75 10.85 6.09
C LEU B 113 -7.25 11.29 4.72
N SER B 114 -6.48 12.12 4.02
CA SER B 114 -6.88 12.53 2.68
C SER B 114 -6.89 11.36 1.71
N VAL B 115 -5.90 10.46 1.82
CA VAL B 115 -5.88 9.27 0.98
C VAL B 115 -7.08 8.38 1.29
N ARG B 116 -7.34 8.18 2.58
CA ARG B 116 -8.51 7.38 2.94
C ARG B 116 -9.78 7.97 2.35
N THR B 117 -9.96 9.28 2.50
CA THR B 117 -11.16 9.92 1.97
C THR B 117 -11.28 9.74 0.46
N ASN B 118 -10.21 10.11 -0.27
CA ASN B 118 -10.33 10.15 -1.72
C ASN B 118 -10.36 8.76 -2.32
N ILE B 119 -9.58 7.82 -1.79
CA ILE B 119 -9.64 6.47 -2.33
C ILE B 119 -10.97 5.81 -1.95
N SER B 120 -11.49 6.09 -0.75
CA SER B 120 -12.76 5.47 -0.37
C SER B 120 -13.92 5.99 -1.22
N THR B 121 -13.83 7.22 -1.76
CA THR B 121 -14.90 7.61 -2.68
C THR B 121 -14.96 6.67 -3.87
N ILE B 122 -13.83 6.12 -4.29
CA ILE B 122 -13.83 5.15 -5.37
C ILE B 122 -14.44 3.85 -4.91
N PHE B 123 -13.86 3.23 -3.88
CA PHE B 123 -14.26 1.85 -3.61
C PHE B 123 -15.60 1.75 -2.89
N ILE B 124 -16.07 2.81 -2.23
CA ILE B 124 -17.41 2.78 -1.65
C ILE B 124 -18.47 2.80 -2.75
N ARG B 125 -18.33 3.73 -3.70
CA ARG B 125 -19.21 3.74 -4.88
C ARG B 125 -19.23 2.38 -5.56
N THR B 126 -18.04 1.84 -5.81
CA THR B 126 -17.94 0.54 -6.47
C THR B 126 -18.63 -0.54 -5.67
N ALA B 127 -18.40 -0.56 -4.34
CA ALA B 127 -19.06 -1.56 -3.50
C ALA B 127 -20.57 -1.46 -3.59
N PHE B 128 -21.09 -0.23 -3.63
CA PHE B 128 -22.54 -0.07 -3.66
C PHE B 128 -23.11 -0.58 -4.98
N ARG B 129 -22.34 -0.52 -6.06
CA ARG B 129 -22.80 -1.03 -7.34
C ARG B 129 -22.50 -2.51 -7.52
N GLN B 130 -21.41 -3.00 -6.96
CA GLN B 130 -20.98 -4.38 -7.21
C GLN B 130 -21.49 -5.37 -6.17
N HIS B 131 -21.39 -5.06 -4.89
CA HIS B 131 -21.82 -5.98 -3.84
C HIS B 131 -22.52 -5.21 -2.73
N PRO B 132 -23.66 -4.59 -3.04
CA PRO B 132 -24.39 -3.83 -2.02
C PRO B 132 -24.83 -4.65 -0.82
N ASP B 133 -25.09 -5.95 -1.02
CA ASP B 133 -25.44 -6.80 0.11
C ASP B 133 -24.28 -6.93 1.09
N LYS B 134 -23.05 -7.09 0.57
CA LYS B 134 -21.88 -7.11 1.44
C LYS B 134 -21.62 -5.75 2.07
N ALA B 135 -21.82 -4.68 1.30
CA ALA B 135 -21.62 -3.36 1.86
C ALA B 135 -22.58 -3.11 3.02
N GLN B 136 -23.84 -3.51 2.86
CA GLN B 136 -24.79 -3.28 3.94
C GLN B 136 -24.47 -4.15 5.15
N GLU B 137 -23.94 -5.36 4.91
CA GLU B 137 -23.49 -6.22 6.00
C GLU B 137 -22.38 -5.56 6.80
N VAL B 138 -21.44 -4.90 6.11
CA VAL B 138 -20.34 -4.22 6.78
C VAL B 138 -20.86 -3.02 7.56
N LEU B 139 -21.73 -2.23 6.94
CA LEU B 139 -22.22 -1.03 7.58
C LEU B 139 -23.09 -1.37 8.78
N ALA B 140 -23.77 -2.52 8.73
CA ALA B 140 -24.63 -2.92 9.86
C ALA B 140 -23.84 -3.12 11.14
N THR B 141 -22.53 -3.41 11.05
CA THR B 141 -21.74 -3.58 12.27
C THR B 141 -21.70 -2.30 13.09
N ALA B 142 -22.03 -1.15 12.49
CA ALA B 142 -22.08 0.09 13.25
C ALA B 142 -23.12 0.03 14.35
N ASN B 143 -24.19 -0.73 14.14
CA ASN B 143 -25.12 -1.03 15.21
C ASN B 143 -24.41 -1.92 16.23
N GLU B 144 -24.65 -1.68 17.52
CA GLU B 144 -24.08 -2.50 18.58
C GLU B 144 -22.56 -2.39 18.66
N VAL B 145 -21.99 -1.24 18.31
CA VAL B 145 -20.60 -0.97 18.64
C VAL B 145 -20.57 -0.34 20.03
N ALA B 146 -19.52 -0.63 20.79
CA ALA B 146 -19.38 -0.03 22.12
C ALA B 146 -18.99 1.43 21.99
N ASP B 147 -19.44 2.23 22.95
CA ASP B 147 -19.31 3.70 22.87
C ASP B 147 -18.01 4.16 23.55
N HIS B 148 -16.89 3.85 22.91
CA HIS B 148 -15.60 4.29 23.41
C HIS B 148 -14.55 4.19 22.31
N ALA B 149 -13.40 4.79 22.58
CA ALA B 149 -12.44 5.13 21.51
C ALA B 149 -11.92 3.89 20.80
N ASP B 150 -11.38 2.93 21.56
CA ASP B 150 -10.78 1.77 20.93
C ASP B 150 -11.81 0.99 20.12
N ALA B 151 -13.02 0.85 20.65
CA ALA B 151 -14.07 0.13 19.93
C ALA B 151 -14.41 0.84 18.63
N PHE B 152 -14.55 2.17 18.68
CA PHE B 152 -14.89 2.91 17.48
C PHE B 152 -13.75 2.91 16.48
N ALA B 153 -12.50 3.03 16.95
CA ALA B 153 -11.37 2.98 16.03
C ALA B 153 -11.34 1.67 15.29
N GLU B 154 -11.62 0.57 15.98
CA GLU B 154 -11.64 -0.73 15.34
C GLU B 154 -12.81 -0.83 14.36
N LEU B 155 -13.99 -0.40 14.80
CA LEU B 155 -15.18 -0.40 13.94
C LEU B 155 -14.94 0.40 12.68
N ASP B 156 -14.40 1.60 12.83
CA ASP B 156 -14.22 2.49 11.70
C ASP B 156 -13.26 1.89 10.68
N TYR B 157 -12.11 1.40 11.14
CA TYR B 157 -11.20 0.74 10.21
C TYR B 157 -11.88 -0.43 9.52
N ASN B 158 -12.62 -1.24 10.28
CA ASN B 158 -13.24 -2.43 9.72
C ASN B 158 -14.30 -2.07 8.68
N ILE B 159 -14.96 -0.94 8.86
CA ILE B 159 -15.95 -0.52 7.88
C ILE B 159 -15.29 -0.07 6.59
N PHE B 160 -14.23 0.75 6.67
CA PHE B 160 -13.56 1.16 5.44
C PHE B 160 -12.89 -0.03 4.77
N ARG B 161 -12.24 -0.89 5.55
CA ARG B 161 -11.63 -2.09 4.98
C ARG B 161 -12.69 -2.99 4.38
N GLY B 162 -13.80 -3.18 5.09
CA GLY B 162 -14.85 -4.05 4.58
C GLY B 162 -15.47 -3.52 3.29
N LEU B 163 -15.70 -2.20 3.23
CA LEU B 163 -16.21 -1.62 2.00
C LEU B 163 -15.19 -1.69 0.88
N ALA B 164 -13.90 -1.59 1.21
CA ALA B 164 -12.88 -1.75 0.19
C ALA B 164 -12.93 -3.15 -0.42
N PHE B 165 -13.07 -4.18 0.41
CA PHE B 165 -13.21 -5.52 -0.16
C PHE B 165 -14.56 -5.70 -0.84
N ALA B 166 -15.62 -5.06 -0.33
CA ALA B 166 -16.95 -5.19 -0.93
C ALA B 166 -17.00 -4.60 -2.33
N SER B 167 -15.99 -3.83 -2.73
CA SER B 167 -15.93 -3.33 -4.09
C SER B 167 -15.81 -4.46 -5.10
N GLY B 168 -15.41 -5.65 -4.65
CA GLY B 168 -15.06 -6.73 -5.56
C GLY B 168 -13.64 -6.67 -6.03
N ASN B 169 -12.94 -5.59 -5.72
CA ASN B 169 -11.55 -5.39 -6.13
C ASN B 169 -10.71 -5.50 -4.87
N PRO B 170 -10.13 -6.66 -4.58
CA PRO B 170 -9.42 -6.81 -3.29
C PRO B 170 -8.15 -5.96 -3.18
N ILE B 171 -7.71 -5.31 -4.25
CA ILE B 171 -6.51 -4.47 -4.12
C ILE B 171 -6.80 -3.24 -3.27
N TYR B 172 -8.03 -2.71 -3.32
CA TYR B 172 -8.41 -1.66 -2.38
C TYR B 172 -8.31 -2.15 -0.94
N GLY B 173 -8.69 -3.40 -0.70
CA GLY B 173 -8.58 -3.97 0.65
C GLY B 173 -7.13 -4.09 1.08
N LEU B 174 -6.25 -4.49 0.17
CA LEU B 174 -4.82 -4.58 0.49
C LEU B 174 -4.28 -3.20 0.88
N ILE B 175 -4.74 -2.15 0.21
CA ILE B 175 -4.33 -0.80 0.56
C ILE B 175 -4.80 -0.48 1.98
N LEU B 176 -6.04 -0.80 2.31
CA LEU B 176 -6.50 -0.54 3.68
C LEU B 176 -5.68 -1.33 4.72
N ASN B 177 -5.38 -2.61 4.42
CA ASN B 177 -4.53 -3.39 5.33
C ASN B 177 -3.22 -2.68 5.60
N GLY B 178 -2.60 -2.13 4.55
CA GLY B 178 -1.36 -1.41 4.73
C GLY B 178 -1.55 -0.15 5.53
N MET B 179 -2.75 0.43 5.49
CA MET B 179 -2.97 1.64 6.27
C MET B 179 -3.28 1.35 7.73
N LYS B 180 -3.57 0.08 8.07
CA LYS B 180 -4.22 -0.23 9.35
C LYS B 180 -3.48 0.40 10.53
N GLY B 181 -2.18 0.15 10.63
CA GLY B 181 -1.43 0.58 11.79
C GLY B 181 -1.60 2.04 12.12
N LEU B 182 -1.18 2.92 11.20
CA LEU B 182 -1.26 4.35 11.46
C LEU B 182 -2.71 4.83 11.50
N TYR B 183 -3.56 4.28 10.62
CA TYR B 183 -4.95 4.74 10.58
C TYR B 183 -5.65 4.52 11.91
N THR B 184 -5.51 3.33 12.48
CA THR B 184 -6.16 3.03 13.75
C THR B 184 -5.50 3.77 14.91
N ARG B 185 -4.18 4.01 14.85
CA ARG B 185 -3.56 4.87 15.84
C ARG B 185 -4.22 6.24 15.87
N ILE B 186 -4.48 6.82 14.69
CA ILE B 186 -5.21 8.08 14.64
C ILE B 186 -6.60 7.91 15.26
N GLY B 187 -7.32 6.88 14.81
CA GLY B 187 -8.68 6.65 15.31
C GLY B 187 -8.76 6.46 16.80
N ARG B 188 -7.73 5.83 17.40
CA ARG B 188 -7.79 5.62 18.86
C ARG B 188 -7.72 6.94 19.60
N HIS B 189 -6.96 7.90 19.07
CA HIS B 189 -6.98 9.25 19.62
C HIS B 189 -8.28 9.96 19.26
N TYR B 190 -8.67 9.89 17.98
CA TYR B 190 -9.80 10.67 17.49
C TYR B 190 -11.10 10.29 18.20
N PHE B 191 -11.36 9.00 18.34
CA PHE B 191 -12.67 8.54 18.79
C PHE B 191 -12.82 8.55 20.30
N ALA B 192 -11.87 9.15 21.03
CA ALA B 192 -12.10 9.52 22.42
C ALA B 192 -13.11 10.66 22.52
N ASN B 193 -13.27 11.42 21.45
CA ASN B 193 -14.20 12.53 21.44
C ASN B 193 -15.60 12.00 21.14
N PRO B 194 -16.58 12.21 22.02
CA PRO B 194 -17.93 11.70 21.71
C PRO B 194 -18.51 12.33 20.46
N GLU B 195 -18.15 13.58 20.14
CA GLU B 195 -18.62 14.15 18.89
C GLU B 195 -18.05 13.41 17.70
N ALA B 196 -16.82 12.92 17.81
CA ALA B 196 -16.23 12.14 16.72
C ALA B 196 -16.99 10.85 16.49
N ARG B 197 -17.40 10.19 17.58
CA ARG B 197 -18.15 8.94 17.47
C ARG B 197 -19.52 9.19 16.85
N SER B 198 -20.19 10.29 17.26
CA SER B 198 -21.53 10.57 16.74
C SER B 198 -21.49 10.90 15.26
N LEU B 199 -20.48 11.68 14.81
CA LEU B 199 -20.36 12.02 13.40
C LEU B 199 -20.14 10.76 12.57
N ALA B 200 -19.28 9.86 13.05
CA ALA B 200 -19.02 8.62 12.33
C ALA B 200 -20.28 7.77 12.20
N LEU B 201 -21.04 7.63 13.29
CA LEU B 201 -22.30 6.87 13.21
C LEU B 201 -23.25 7.48 12.19
N GLY B 202 -23.39 8.81 12.20
CA GLY B 202 -24.24 9.44 11.20
C GLY B 202 -23.78 9.14 9.79
N PHE B 203 -22.46 9.10 9.60
CA PHE B 203 -21.87 8.84 8.30
C PHE B 203 -22.15 7.42 7.85
N TYR B 204 -21.91 6.44 8.72
CA TYR B 204 -22.19 5.05 8.34
C TYR B 204 -23.67 4.87 8.01
N HIS B 205 -24.54 5.48 8.80
CA HIS B 205 -25.97 5.39 8.53
C HIS B 205 -26.33 6.03 7.19
N LYS B 206 -25.71 7.16 6.89
CA LYS B 206 -26.01 7.82 5.61
C LYS B 206 -25.50 7.00 4.45
N LEU B 207 -24.28 6.44 4.56
CA LEU B 207 -23.80 5.50 3.56
C LEU B 207 -24.80 4.36 3.34
N SER B 208 -25.28 3.78 4.44
CA SER B 208 -26.23 2.68 4.35
C SER B 208 -27.50 3.11 3.63
N ALA B 209 -27.97 4.32 3.92
CA ALA B 209 -29.13 4.85 3.22
C ALA B 209 -28.86 4.98 1.72
N LEU B 210 -27.73 5.62 1.37
CA LEU B 210 -27.34 5.73 -0.04
C LEU B 210 -27.28 4.37 -0.72
N CYS B 211 -26.71 3.38 -0.04
CA CYS B 211 -26.61 2.05 -0.63
C CYS B 211 -27.98 1.45 -0.83
N SER B 212 -28.85 1.64 0.16
CA SER B 212 -30.20 1.06 0.07
C SER B 212 -30.97 1.64 -1.10
N GLU B 213 -30.86 2.95 -1.32
CA GLU B 213 -31.55 3.63 -2.41
C GLU B 213 -30.91 3.40 -3.77
N GLY B 214 -29.63 3.02 -3.82
CA GLY B 214 -28.94 2.99 -5.09
C GLY B 214 -28.45 4.34 -5.55
N ALA B 215 -28.29 5.29 -4.63
CA ALA B 215 -27.88 6.65 -4.98
C ALA B 215 -26.36 6.74 -5.03
N HIS B 216 -25.79 6.06 -6.03
CA HIS B 216 -24.32 5.97 -6.13
C HIS B 216 -23.67 7.30 -6.39
N ASP B 217 -24.35 8.19 -7.12
CA ASP B 217 -23.76 9.47 -7.49
C ASP B 217 -23.68 10.43 -6.30
N GLN B 218 -24.29 10.09 -5.17
CA GLN B 218 -24.19 10.89 -3.97
C GLN B 218 -23.09 10.42 -3.03
N VAL B 219 -22.41 9.32 -3.36
CA VAL B 219 -21.36 8.84 -2.45
C VAL B 219 -20.23 9.86 -2.36
N TYR B 220 -19.85 10.45 -3.50
CA TYR B 220 -18.72 11.36 -3.51
C TYR B 220 -18.91 12.51 -2.53
N GLU B 221 -20.00 13.27 -2.69
CA GLU B 221 -20.23 14.40 -1.79
C GLU B 221 -20.32 13.95 -0.33
N THR B 222 -20.96 12.81 -0.07
CA THR B 222 -21.10 12.36 1.32
C THR B 222 -19.74 12.03 1.92
N VAL B 223 -18.91 11.30 1.19
CA VAL B 223 -17.58 10.97 1.70
C VAL B 223 -16.70 12.21 1.80
N ARG B 224 -16.77 13.09 0.80
CA ARG B 224 -15.95 14.31 0.86
C ARG B 224 -16.37 15.16 2.04
N ARG B 225 -17.68 15.27 2.27
CA ARG B 225 -18.16 16.04 3.40
C ARG B 225 -17.72 15.43 4.72
N TYR B 226 -17.75 14.09 4.84
CA TYR B 226 -17.32 13.46 6.08
C TYR B 226 -15.84 13.68 6.32
N GLY B 227 -15.02 13.53 5.28
CA GLY B 227 -13.61 13.86 5.40
C GLY B 227 -13.39 15.27 5.91
N HIS B 228 -14.14 16.22 5.39
CA HIS B 228 -14.00 17.61 5.82
C HIS B 228 -14.43 17.79 7.28
N GLU B 229 -15.61 17.28 7.64
CA GLU B 229 -16.13 17.52 8.99
C GLU B 229 -15.32 16.75 10.04
N SER B 230 -14.99 15.48 9.78
CA SER B 230 -14.15 14.77 10.73
C SER B 230 -12.77 15.41 10.80
N GLY B 231 -12.28 15.94 9.67
CA GLY B 231 -10.98 16.57 9.67
C GLY B 231 -10.93 17.83 10.52
N GLU B 232 -12.04 18.58 10.58
CA GLU B 232 -12.07 19.75 11.44
C GLU B 232 -11.99 19.36 12.90
N ILE B 233 -12.71 18.31 13.29
CA ILE B 233 -12.61 17.82 14.66
C ILE B 233 -11.20 17.31 14.92
N TRP B 234 -10.63 16.58 13.97
CA TRP B 234 -9.30 16.02 14.18
C TRP B 234 -8.25 17.12 14.31
N HIS B 235 -8.36 18.16 13.49
CA HIS B 235 -7.36 19.23 13.54
C HIS B 235 -7.29 19.85 14.92
N ARG B 236 -8.44 20.02 15.58
CA ARG B 236 -8.46 20.55 16.94
C ARG B 236 -7.85 19.55 17.93
N MET B 237 -8.16 18.27 17.76
CA MET B 237 -7.69 17.27 18.70
C MET B 237 -6.19 17.00 18.57
N GLN B 238 -5.66 17.03 17.35
CA GLN B 238 -4.27 16.61 17.18
C GLN B 238 -3.30 17.56 17.88
N LYS B 239 -3.70 18.81 18.13
CA LYS B 239 -2.81 19.76 18.81
C LYS B 239 -2.35 19.20 20.14
N ASN B 240 -3.23 18.50 20.86
CA ASN B 240 -2.96 18.01 22.21
C ASN B 240 -2.05 16.80 22.21
N LEU B 241 -1.50 16.42 21.07
CA LEU B 241 -0.78 15.16 20.90
C LEU B 241 0.67 15.41 20.48
N PRO B 242 1.56 14.44 20.72
CA PRO B 242 2.93 14.54 20.19
C PRO B 242 2.94 14.41 18.68
#